data_4KVL
#
_entry.id   4KVL
#
_cell.length_a   72.887
_cell.length_b   130.202
_cell.length_c   188.173
_cell.angle_alpha   90.00
_cell.angle_beta   90.00
_cell.angle_gamma   90.00
#
_symmetry.space_group_name_H-M   'I 2 2 2'
#
loop_
_entity.id
_entity.type
_entity.pdbx_description
1 polymer 'Fatty acid alpha-oxidase'
2 non-polymer 'PROTOPORPHYRIN IX CONTAINING FE'
3 non-polymer 'PALMITIC ACID'
4 non-polymer 'CALCIUM ION'
5 non-polymer IMIDAZOLE
6 non-polymer 'octyl beta-D-glucopyranoside'
7 non-polymer 'PENTAETHYLENE GLYCOL'
8 non-polymer 'TRIETHYLENE GLYCOL'
9 non-polymer 'TETRAETHYLENE GLYCOL'
10 non-polymer 'CHLORIDE ION'
11 water water
#
_entity_poly.entity_id   1
_entity_poly.type   'polypeptide(L)'
_entity_poly.pdbx_seq_one_letter_code
;MRGSHHHHHHGSVHPDLRDVFSKMSFFDKIGFLFIHAFDKRNLWHKVPVPIGLLYLNTRRTLLEKYNLLAVGRSSHGALF
DPKEFLYRTEDGKYNDPHNAEAGSQNTFFGRNMEPVDQQDELMSPDPFVVATKLLARREYKDTGKQFNILAAAWIQFMVH
DWMDHMEDTGQIGITAPKEVANECPLKSFKFHPTKELPTNSDGIKIGHYNIRTAWWDGSAVYGNNEERAEKLRTYVDGKL
VIGDDGLLLHKENGVALSGDIRNSWAGVSILQALFVKEHNAVCDAIKEEHPNLSDEELYRYAKLVTSAVIAKVHTIDWTV
ELLKTKTMRAAMRANWYGLLGKKIKDTFGHIGGPILGGLVGLKKPNNHGVPYSLTEEFTSVFRMHSLIPSTLKLRDPTGQ
PDANNSPPCLEDIDIGEMIGLKGEEQLSKIGFEKQALSMGYQACGALELWNYPSFFRNLIPQNLDGTNRSDRIDLAALEV
YRDRERSVPRYNEFRRRLFLIPIKSWEDLTSDKDAIETIRAIYGDDVEKLDLLVGLMAEKKIKGFAISETAFNIFILMAS
RRLEADRFFTSNFNEETYTKKGMQWVKTTEGLRDVINRHYPEITAKWMKSSSAFSVWDADY
;
_entity_poly.pdbx_strand_id   A
#
# COMPACT_ATOMS: atom_id res chain seq x y z
N SER A 12 -27.62 21.03 11.19
CA SER A 12 -26.92 20.78 12.49
C SER A 12 -25.88 19.65 12.37
N VAL A 13 -25.25 19.31 13.48
CA VAL A 13 -24.16 18.34 13.51
C VAL A 13 -24.70 16.94 13.86
N HIS A 14 -24.25 15.90 13.15
CA HIS A 14 -24.62 14.52 13.52
C HIS A 14 -24.41 14.27 15.02
N PRO A 15 -25.40 13.64 15.70
CA PRO A 15 -25.34 13.42 17.16
C PRO A 15 -24.05 12.77 17.66
N ASP A 16 -23.51 11.82 16.89
CA ASP A 16 -22.27 11.13 17.29
C ASP A 16 -21.01 12.01 17.21
N LEU A 17 -21.12 13.14 16.52
CA LEU A 17 -20.00 14.06 16.35
C LEU A 17 -20.17 15.40 17.11
N ARG A 18 -21.27 15.51 17.85
CA ARG A 18 -21.53 16.74 18.62
C ARG A 18 -20.52 16.98 19.74
N ASP A 19 -20.15 15.92 20.47
CA ASP A 19 -19.19 16.03 21.56
C ASP A 19 -17.83 16.59 21.10
N VAL A 20 -17.20 15.94 20.11
CA VAL A 20 -15.93 16.43 19.59
C VAL A 20 -16.06 17.83 18.97
N PHE A 21 -17.16 18.08 18.26
CA PHE A 21 -17.42 19.43 17.70
C PHE A 21 -17.39 20.52 18.76
N SER A 22 -18.05 20.27 19.89
CA SER A 22 -18.17 21.29 20.96
C SER A 22 -16.82 21.64 21.60
N LYS A 23 -15.86 20.72 21.53
CA LYS A 23 -14.54 20.93 22.12
C LYS A 23 -13.51 21.50 21.15
N MET A 24 -13.88 21.60 19.87
CA MET A 24 -12.94 22.08 18.86
C MET A 24 -12.62 23.55 19.02
N SER A 25 -11.40 23.94 18.61
CA SER A 25 -11.07 25.35 18.49
C SER A 25 -11.99 25.97 17.43
N PHE A 26 -12.17 27.29 17.49
CA PHE A 26 -12.99 28.01 16.52
C PHE A 26 -12.60 27.69 15.07
N PHE A 27 -11.29 27.69 14.77
CA PHE A 27 -10.82 27.42 13.41
C PHE A 27 -11.14 25.99 12.95
N ASP A 28 -11.01 25.03 13.86
CA ASP A 28 -11.39 23.65 13.54
C ASP A 28 -12.89 23.45 13.41
N LYS A 29 -13.68 24.17 14.23
CA LYS A 29 -15.14 24.16 14.07
C LYS A 29 -15.52 24.55 12.65
N ILE A 30 -14.88 25.60 12.12
CA ILE A 30 -15.16 26.10 10.77
C ILE A 30 -14.86 25.01 9.71
N GLY A 31 -13.70 24.39 9.82
CA GLY A 31 -13.31 23.33 8.90
C GLY A 31 -14.27 22.16 8.98
N PHE A 32 -14.61 21.74 10.20
CA PHE A 32 -15.54 20.64 10.39
C PHE A 32 -16.92 20.90 9.79
N LEU A 33 -17.48 22.09 10.04
CA LEU A 33 -18.80 22.41 9.51
C LEU A 33 -18.78 22.45 8.00
N PHE A 34 -17.66 22.90 7.41
CA PHE A 34 -17.52 22.90 5.95
C PHE A 34 -17.59 21.49 5.39
N ILE A 35 -16.78 20.58 5.91
CA ILE A 35 -16.77 19.21 5.40
C ILE A 35 -18.07 18.47 5.72
N HIS A 36 -18.62 18.72 6.91
CA HIS A 36 -19.83 18.05 7.33
C HIS A 36 -21.04 18.43 6.49
N ALA A 37 -21.08 19.68 6.02
CA ALA A 37 -22.13 20.15 5.12
C ALA A 37 -22.19 19.29 3.86
N PHE A 38 -21.03 18.93 3.31
CA PHE A 38 -20.97 18.01 2.16
C PHE A 38 -21.33 16.60 2.55
N ASP A 39 -20.72 16.12 3.63
CA ASP A 39 -20.88 14.73 4.05
C ASP A 39 -22.33 14.34 4.33
N LYS A 40 -23.09 15.24 4.95
CA LYS A 40 -24.48 14.97 5.29
C LYS A 40 -25.31 14.74 4.04
N ARG A 41 -24.83 15.24 2.90
CA ARG A 41 -25.56 15.12 1.63
CA ARG A 41 -25.58 15.07 1.65
C ARG A 41 -24.79 14.25 0.62
N ASN A 42 -23.69 13.64 1.07
CA ASN A 42 -22.83 12.82 0.19
C ASN A 42 -22.42 13.59 -1.08
N LEU A 43 -21.88 14.79 -0.89
CA LEU A 43 -21.63 15.69 -2.01
C LEU A 43 -20.18 15.98 -2.43
N TRP A 44 -19.17 15.62 -1.61
CA TRP A 44 -17.83 16.13 -1.93
C TRP A 44 -17.32 15.70 -3.30
N HIS A 45 -17.68 14.49 -3.71
CA HIS A 45 -17.20 13.91 -4.99
C HIS A 45 -18.14 14.27 -6.15
N LYS A 46 -19.18 15.06 -5.88
CA LYS A 46 -20.13 15.44 -6.92
C LYS A 46 -20.02 16.92 -7.31
N VAL A 47 -19.01 17.61 -6.79
CA VAL A 47 -18.81 19.02 -7.10
C VAL A 47 -17.60 19.18 -8.02
N PRO A 48 -17.49 20.32 -8.72
CA PRO A 48 -16.33 20.62 -9.59
C PRO A 48 -15.02 20.56 -8.80
N VAL A 49 -13.92 20.30 -9.51
CA VAL A 49 -12.61 20.07 -8.89
C VAL A 49 -12.12 21.05 -7.78
N PRO A 50 -12.20 22.38 -7.99
CA PRO A 50 -11.71 23.33 -6.97
C PRO A 50 -12.37 23.18 -5.58
N ILE A 51 -13.69 23.00 -5.55
CA ILE A 51 -14.40 22.82 -4.27
C ILE A 51 -14.05 21.45 -3.66
N GLY A 52 -13.92 20.45 -4.52
CA GLY A 52 -13.48 19.10 -4.07
C GLY A 52 -12.11 19.17 -3.41
N LEU A 53 -11.18 19.89 -4.01
CA LEU A 53 -9.85 20.04 -3.44
C LEU A 53 -9.87 20.79 -2.10
N LEU A 54 -10.70 21.84 -2.01
CA LEU A 54 -10.83 22.57 -0.75
C LEU A 54 -11.37 21.64 0.33
N TYR A 55 -12.39 20.85 -0.02
CA TYR A 55 -12.93 19.83 0.88
C TYR A 55 -11.81 18.89 1.39
N LEU A 56 -11.04 18.34 0.45
CA LEU A 56 -10.00 17.37 0.83
C LEU A 56 -8.91 18.00 1.69
N ASN A 57 -8.47 19.20 1.32
CA ASN A 57 -7.46 19.88 2.14
C ASN A 57 -7.97 20.19 3.56
N THR A 58 -9.23 20.60 3.65
CA THR A 58 -9.85 20.88 4.96
C THR A 58 -9.95 19.61 5.81
N ARG A 59 -10.41 18.52 5.20
CA ARG A 59 -10.49 17.24 5.90
C ARG A 59 -9.09 16.78 6.32
N ARG A 60 -8.11 16.93 5.44
CA ARG A 60 -6.72 16.56 5.78
C ARG A 60 -6.19 17.31 7.04
N THR A 61 -6.43 18.62 7.11
CA THR A 61 -5.97 19.41 8.24
CA THR A 61 -5.98 19.42 8.26
C THR A 61 -6.58 18.92 9.57
N LEU A 62 -7.85 18.55 9.55
CA LEU A 62 -8.51 18.01 10.74
CA LEU A 62 -8.52 18.01 10.73
C LEU A 62 -7.94 16.65 11.14
N LEU A 63 -7.73 15.77 10.16
CA LEU A 63 -7.11 14.47 10.44
C LEU A 63 -5.70 14.62 11.01
N GLU A 64 -4.93 15.58 10.50
CA GLU A 64 -3.57 15.77 10.99
C GLU A 64 -3.55 16.17 12.47
N LYS A 65 -4.59 16.90 12.89
CA LYS A 65 -4.70 17.37 14.26
C LYS A 65 -5.26 16.31 15.22
N TYR A 66 -6.28 15.58 14.77
CA TYR A 66 -7.00 14.63 15.64
C TYR A 66 -6.64 13.15 15.50
N ASN A 67 -5.96 12.78 14.41
CA ASN A 67 -5.75 11.34 14.12
C ASN A 67 -4.30 10.96 13.90
N LEU A 68 -3.41 11.61 14.62
CA LEU A 68 -2.03 11.15 14.70
C LEU A 68 -1.66 10.93 16.16
N LEU A 69 -1.52 9.67 16.55
CA LEU A 69 -1.20 9.33 17.94
C LEU A 69 0.13 8.59 18.02
N ALA A 70 1.01 9.10 18.88
CA ALA A 70 2.30 8.47 19.16
C ALA A 70 2.12 7.15 19.92
N VAL A 71 2.97 6.18 19.60
CA VAL A 71 3.06 4.94 20.37
C VAL A 71 4.51 4.83 20.82
N GLY A 72 4.71 4.81 22.14
CA GLY A 72 6.05 4.89 22.72
C GLY A 72 6.47 6.33 22.97
N ARG A 73 7.49 6.53 23.80
CA ARG A 73 7.95 7.88 24.17
C ARG A 73 8.56 8.69 23.01
N SER A 74 8.16 9.97 22.93
CA SER A 74 8.50 10.83 21.79
C SER A 74 9.77 11.66 21.97
N SER A 75 10.08 11.99 23.22
CA SER A 75 11.23 12.86 23.51
C SER A 75 12.54 12.10 23.50
N HIS A 76 13.64 12.86 23.41
CA HIS A 76 14.99 12.34 23.65
C HIS A 76 15.48 11.38 22.55
N GLY A 77 15.20 11.72 21.29
CA GLY A 77 15.76 10.98 20.15
C GLY A 77 17.28 11.10 20.11
N ALA A 78 17.94 10.12 19.49
CA ALA A 78 19.41 10.08 19.41
C ALA A 78 19.99 11.26 18.61
N LEU A 79 21.10 11.81 19.09
CA LEU A 79 21.65 13.08 18.58
C LEU A 79 22.47 12.93 17.29
N PHE A 80 22.06 13.64 16.23
CA PHE A 80 22.83 13.66 14.96
C PHE A 80 22.61 14.88 14.07
N ASP A 81 23.59 15.15 13.21
CA ASP A 81 23.54 16.22 12.19
C ASP A 81 23.09 15.64 10.83
N PRO A 82 21.94 16.12 10.30
CA PRO A 82 21.42 15.60 9.01
C PRO A 82 22.40 15.78 7.84
N LYS A 83 23.24 16.83 7.89
CA LYS A 83 24.26 17.09 6.87
C LYS A 83 25.26 15.93 6.71
N GLU A 84 25.38 15.09 7.74
CA GLU A 84 26.27 13.93 7.70
C GLU A 84 25.58 12.67 7.19
N PHE A 85 24.26 12.73 6.98
CA PHE A 85 23.51 11.60 6.42
C PHE A 85 22.64 12.07 5.25
N LEU A 86 23.26 12.23 4.08
CA LEU A 86 22.54 12.69 2.88
C LEU A 86 22.14 11.51 1.98
N TYR A 87 21.79 10.39 2.60
CA TYR A 87 21.36 9.22 1.85
C TYR A 87 20.38 8.41 2.68
N ARG A 88 19.71 7.46 2.03
CA ARG A 88 18.76 6.58 2.70
C ARG A 88 19.49 5.37 3.28
N THR A 89 19.61 5.32 4.61
CA THR A 89 20.38 4.27 5.30
C THR A 89 19.70 2.91 5.15
N GLU A 90 20.47 1.84 5.37
CA GLU A 90 20.01 0.49 5.10
C GLU A 90 18.80 0.09 5.94
N ASP A 91 18.73 0.60 7.17
CA ASP A 91 17.64 0.31 8.08
C ASP A 91 16.66 1.46 8.30
N GLY A 92 16.84 2.57 7.59
CA GLY A 92 15.90 3.70 7.65
C GLY A 92 16.18 4.71 8.74
N LYS A 93 17.21 4.47 9.56
CA LYS A 93 17.58 5.43 10.61
C LYS A 93 18.16 6.71 10.01
N TYR A 94 18.14 7.76 10.84
CA TYR A 94 18.85 9.03 10.57
C TYR A 94 18.18 9.86 9.49
N ASN A 95 16.85 9.87 9.52
CA ASN A 95 16.06 10.69 8.62
C ASN A 95 15.63 11.96 9.33
N ASP A 96 14.85 11.79 10.40
CA ASP A 96 14.33 12.89 11.21
C ASP A 96 15.42 13.34 12.21
N PRO A 97 15.94 14.59 12.07
CA PRO A 97 17.00 15.13 12.93
C PRO A 97 16.73 15.02 14.43
N HIS A 98 15.45 15.03 14.82
CA HIS A 98 15.06 14.95 16.23
C HIS A 98 14.80 13.53 16.72
N ASN A 99 14.74 12.58 15.80
CA ASN A 99 14.43 11.21 16.16
C ASN A 99 15.11 10.26 15.18
N ALA A 100 16.36 9.93 15.49
CA ALA A 100 17.18 9.06 14.66
C ALA A 100 16.51 7.73 14.31
N GLU A 101 15.62 7.27 15.18
CA GLU A 101 15.01 5.95 15.02
C GLU A 101 13.69 5.98 14.23
N ALA A 102 13.06 7.15 14.11
CA ALA A 102 11.76 7.28 13.42
C ALA A 102 11.85 6.69 12.01
N GLY A 103 10.86 5.87 11.67
CA GLY A 103 10.76 5.23 10.35
C GLY A 103 11.70 4.06 10.11
N SER A 104 12.53 3.72 11.10
CA SER A 104 13.49 2.63 10.94
C SER A 104 12.91 1.24 11.24
N GLN A 105 13.64 0.21 10.83
CA GLN A 105 13.25 -1.16 11.16
C GLN A 105 13.09 -1.33 12.66
N ASN A 106 12.07 -2.09 13.07
CA ASN A 106 11.86 -2.46 14.47
C ASN A 106 11.50 -1.26 15.35
N THR A 107 10.46 -0.55 14.93
CA THR A 107 9.91 0.57 15.71
C THR A 107 8.40 0.40 15.80
N PHE A 108 7.78 1.01 16.80
CA PHE A 108 6.33 0.91 16.99
C PHE A 108 5.52 1.44 15.80
N PHE A 109 4.46 0.72 15.43
CA PHE A 109 3.39 1.34 14.65
C PHE A 109 2.70 2.39 15.52
N GLY A 110 2.50 3.58 14.96
CA GLY A 110 1.64 4.59 15.58
C GLY A 110 0.17 4.20 15.48
N ARG A 111 -0.72 5.10 15.90
CA ARG A 111 -2.15 4.90 15.70
C ARG A 111 -2.81 6.13 15.14
N ASN A 112 -3.87 5.92 14.39
CA ASN A 112 -4.75 7.01 13.97
C ASN A 112 -5.91 7.25 14.94
N MET A 113 -6.17 6.29 15.82
CA MET A 113 -7.31 6.36 16.76
C MET A 113 -6.91 5.65 18.04
N GLU A 114 -7.58 6.01 19.14
CA GLU A 114 -7.42 5.30 20.41
C GLU A 114 -7.83 3.85 20.22
N PRO A 115 -7.02 2.91 20.73
CA PRO A 115 -7.36 1.51 20.53
C PRO A 115 -8.67 1.13 21.23
N VAL A 116 -9.36 0.13 20.70
CA VAL A 116 -10.56 -0.45 21.31
C VAL A 116 -10.22 -1.88 21.71
N ASP A 117 -10.21 -2.14 23.02
CA ASP A 117 -9.90 -3.46 23.59
C ASP A 117 -10.96 -4.48 23.15
N GLN A 118 -10.52 -5.53 22.47
CA GLN A 118 -11.45 -6.56 21.98
C GLN A 118 -11.06 -7.96 22.49
N GLN A 119 -10.25 -8.01 23.54
CA GLN A 119 -9.64 -9.28 23.97
C GLN A 119 -10.67 -10.34 24.39
N ASP A 120 -11.87 -9.89 24.73
CA ASP A 120 -12.99 -10.77 25.10
C ASP A 120 -13.91 -11.12 23.92
N GLU A 121 -13.58 -10.62 22.73
CA GLU A 121 -14.44 -10.83 21.57
C GLU A 121 -13.62 -11.12 20.32
N LEU A 122 -12.44 -11.72 20.52
CA LEU A 122 -11.55 -12.05 19.40
C LEU A 122 -12.15 -13.06 18.45
N MET A 123 -13.06 -13.88 18.96
CA MET A 123 -13.74 -14.92 18.17
C MET A 123 -15.23 -14.62 17.94
N SER A 124 -15.63 -13.34 18.08
CA SER A 124 -17.06 -12.98 18.00
CA SER A 124 -17.05 -12.98 18.01
C SER A 124 -17.34 -11.89 16.95
N PRO A 125 -18.02 -12.26 15.84
CA PRO A 125 -18.45 -13.61 15.42
C PRO A 125 -17.26 -14.42 14.92
N ASP A 126 -17.46 -15.72 14.70
CA ASP A 126 -16.36 -16.60 14.37
C ASP A 126 -15.67 -16.22 13.06
N PRO A 127 -14.33 -16.09 13.10
CA PRO A 127 -13.54 -15.72 11.90
C PRO A 127 -13.77 -16.63 10.72
N PHE A 128 -13.94 -17.94 10.95
CA PHE A 128 -14.23 -18.87 9.86
C PHE A 128 -15.61 -18.64 9.25
N VAL A 129 -16.61 -18.34 10.09
CA VAL A 129 -17.95 -18.01 9.61
C VAL A 129 -17.90 -16.74 8.72
N VAL A 130 -17.24 -15.70 9.21
CA VAL A 130 -17.01 -14.49 8.40
C VAL A 130 -16.35 -14.84 7.06
N ALA A 131 -15.22 -15.55 7.11
CA ALA A 131 -14.50 -15.89 5.90
C ALA A 131 -15.37 -16.68 4.90
N THR A 132 -16.10 -17.68 5.40
CA THR A 132 -16.88 -18.60 4.59
C THR A 132 -18.13 -17.97 3.99
N LYS A 133 -18.85 -17.17 4.79
CA LYS A 133 -20.15 -16.65 4.39
C LYS A 133 -20.13 -15.27 3.75
N LEU A 134 -19.08 -14.49 4.05
CA LEU A 134 -19.03 -13.10 3.57
C LEU A 134 -17.89 -12.78 2.60
N LEU A 135 -16.77 -13.48 2.75
CA LEU A 135 -15.57 -13.14 1.98
C LEU A 135 -15.28 -14.09 0.82
N ALA A 136 -15.54 -15.39 0.98
CA ALA A 136 -15.17 -16.40 0.00
C ALA A 136 -15.71 -16.09 -1.43
N ARG A 137 -14.81 -16.09 -2.40
CA ARG A 137 -15.17 -15.74 -3.77
C ARG A 137 -16.27 -16.63 -4.31
N ARG A 138 -17.36 -16.02 -4.78
CA ARG A 138 -18.44 -16.74 -5.46
C ARG A 138 -18.35 -16.46 -6.96
N GLU A 139 -19.26 -15.63 -7.47
CA GLU A 139 -19.14 -15.14 -8.84
C GLU A 139 -18.00 -14.11 -8.82
N TYR A 140 -17.02 -14.30 -9.68
CA TYR A 140 -15.85 -13.42 -9.73
C TYR A 140 -16.21 -12.01 -10.20
N LYS A 141 -15.74 -11.00 -9.47
CA LYS A 141 -15.97 -9.59 -9.83
C LYS A 141 -14.65 -8.90 -10.11
N ASP A 142 -14.57 -8.21 -11.25
CA ASP A 142 -13.33 -7.50 -11.61
C ASP A 142 -13.56 -6.01 -11.78
N THR A 143 -12.50 -5.26 -12.12
CA THR A 143 -12.58 -3.80 -12.23
C THR A 143 -12.85 -3.29 -13.68
N GLY A 144 -13.18 -4.18 -14.61
CA GLY A 144 -13.41 -3.79 -16.03
C GLY A 144 -12.09 -3.50 -16.75
N LYS A 145 -11.85 -2.26 -17.16
CA LYS A 145 -10.57 -1.86 -17.75
C LYS A 145 -9.74 -1.00 -16.79
N GLN A 146 -10.34 -0.62 -15.67
CA GLN A 146 -9.74 0.43 -14.83
C GLN A 146 -8.39 0.07 -14.23
N PHE A 147 -8.21 -1.19 -13.86
CA PHE A 147 -7.09 -1.59 -12.99
C PHE A 147 -6.71 -3.04 -13.31
N ASN A 148 -5.44 -3.27 -13.64
CA ASN A 148 -5.03 -4.58 -14.12
C ASN A 148 -4.26 -5.34 -13.06
N ILE A 149 -3.74 -6.51 -13.41
CA ILE A 149 -3.02 -7.30 -12.41
C ILE A 149 -1.66 -6.69 -12.03
N LEU A 150 -1.03 -5.95 -12.96
CA LEU A 150 0.15 -5.18 -12.57
C LEU A 150 -0.17 -4.17 -11.44
N ALA A 151 -1.35 -3.57 -11.49
CA ALA A 151 -1.77 -2.64 -10.40
C ALA A 151 -1.93 -3.38 -9.07
N ALA A 152 -2.41 -4.62 -9.12
CA ALA A 152 -2.53 -5.44 -7.91
C ALA A 152 -1.16 -5.87 -7.36
N ALA A 153 -0.25 -6.23 -8.26
CA ALA A 153 1.11 -6.55 -7.86
C ALA A 153 1.79 -5.34 -7.26
N TRP A 154 1.54 -4.18 -7.84
CA TRP A 154 2.19 -2.94 -7.42
C TRP A 154 1.88 -2.64 -5.95
N ILE A 155 0.62 -2.77 -5.58
CA ILE A 155 0.24 -2.40 -4.23
C ILE A 155 0.81 -3.38 -3.19
N GLN A 156 0.88 -4.67 -3.53
CA GLN A 156 1.60 -5.59 -2.65
C GLN A 156 3.10 -5.26 -2.56
N PHE A 157 3.70 -4.93 -3.69
CA PHE A 157 5.09 -4.43 -3.76
C PHE A 157 5.28 -3.24 -2.79
N MET A 158 4.29 -2.34 -2.72
CA MET A 158 4.37 -1.20 -1.75
C MET A 158 4.24 -1.71 -0.29
N VAL A 159 3.28 -2.58 -0.02
CA VAL A 159 3.18 -3.14 1.34
C VAL A 159 4.52 -3.78 1.79
N HIS A 160 5.20 -4.44 0.86
CA HIS A 160 6.52 -5.01 1.11
C HIS A 160 7.55 -3.95 1.45
N ASP A 161 7.44 -2.78 0.83
CA ASP A 161 8.24 -1.59 1.21
C ASP A 161 7.89 -1.12 2.64
N TRP A 162 6.59 -1.13 2.97
CA TRP A 162 6.08 -0.36 4.12
C TRP A 162 5.95 -1.03 5.48
N MET A 163 5.41 -2.25 5.55
CA MET A 163 4.93 -2.74 6.85
C MET A 163 4.78 -4.25 6.98
N ASP A 164 5.23 -4.77 8.12
CA ASP A 164 5.03 -6.16 8.53
C ASP A 164 5.13 -6.19 10.06
N HIS A 165 4.18 -6.86 10.73
CA HIS A 165 4.12 -6.91 12.19
C HIS A 165 4.99 -8.01 12.76
N MET A 166 5.77 -7.68 13.78
CA MET A 166 6.56 -8.66 14.52
C MET A 166 5.62 -9.64 15.22
N GLU A 167 6.00 -10.92 15.19
CA GLU A 167 5.20 -12.01 15.73
C GLU A 167 5.81 -12.50 17.04
N ASP A 168 4.96 -13.00 17.94
CA ASP A 168 5.41 -13.73 19.14
C ASP A 168 5.97 -15.09 18.72
N THR A 169 6.85 -15.69 19.53
CA THR A 169 7.43 -17.00 19.17
C THR A 169 6.44 -18.14 19.37
N GLY A 170 5.50 -17.99 20.30
CA GLY A 170 4.51 -19.05 20.58
C GLY A 170 3.46 -19.13 19.49
N GLN A 171 2.61 -20.14 19.58
CA GLN A 171 1.54 -20.34 18.59
CA GLN A 171 1.53 -20.33 18.59
C GLN A 171 0.18 -20.42 19.28
N ILE A 172 -0.86 -19.97 18.60
CA ILE A 172 -2.23 -20.23 19.02
C ILE A 172 -2.96 -20.81 17.80
N GLY A 173 -4.19 -21.27 17.99
CA GLY A 173 -4.95 -21.79 16.86
C GLY A 173 -6.44 -21.50 16.89
N ILE A 174 -7.06 -21.51 15.71
CA ILE A 174 -8.51 -21.33 15.56
C ILE A 174 -9.05 -22.60 14.89
N THR A 175 -10.21 -23.06 15.35
CA THR A 175 -10.90 -24.22 14.79
C THR A 175 -12.24 -23.79 14.15
N ALA A 176 -12.54 -24.28 12.95
CA ALA A 176 -13.81 -23.94 12.30
C ALA A 176 -14.99 -24.59 13.04
N PRO A 177 -16.05 -23.81 13.32
CA PRO A 177 -17.25 -24.38 13.97
C PRO A 177 -18.02 -25.32 13.05
N LYS A 178 -18.79 -26.23 13.64
CA LYS A 178 -19.49 -27.27 12.87
C LYS A 178 -20.44 -26.72 11.79
N GLU A 179 -21.01 -25.53 12.02
CA GLU A 179 -21.92 -24.88 11.09
C GLU A 179 -21.30 -24.59 9.72
N VAL A 180 -19.99 -24.35 9.69
CA VAL A 180 -19.33 -24.00 8.44
C VAL A 180 -18.12 -24.89 8.04
N ALA A 181 -17.67 -25.76 8.94
CA ALA A 181 -16.49 -26.63 8.70
C ALA A 181 -16.50 -27.35 7.35
N ASN A 182 -17.66 -27.90 7.00
CA ASN A 182 -17.84 -28.58 5.72
C ASN A 182 -17.49 -27.72 4.50
N GLU A 183 -17.53 -26.39 4.65
CA GLU A 183 -17.24 -25.47 3.54
C GLU A 183 -15.86 -24.83 3.67
N CYS A 184 -15.10 -25.19 4.70
CA CYS A 184 -13.77 -24.63 4.92
C CYS A 184 -12.67 -25.56 4.37
N PRO A 185 -11.81 -25.03 3.48
CA PRO A 185 -10.67 -25.82 2.99
C PRO A 185 -9.74 -26.30 4.11
N LEU A 186 -9.57 -25.48 5.15
CA LEU A 186 -8.87 -25.87 6.37
C LEU A 186 -9.85 -25.98 7.53
N LYS A 187 -9.70 -27.03 8.33
CA LYS A 187 -10.64 -27.26 9.42
C LYS A 187 -10.22 -26.54 10.70
N SER A 188 -8.93 -26.24 10.77
CA SER A 188 -8.36 -25.45 11.85
C SER A 188 -7.01 -24.99 11.33
N PHE A 189 -6.43 -23.99 11.98
CA PHE A 189 -5.04 -23.63 11.67
C PHE A 189 -4.35 -22.95 12.84
N LYS A 190 -3.03 -23.00 12.83
CA LYS A 190 -2.19 -22.39 13.85
C LYS A 190 -1.45 -21.20 13.24
N PHE A 191 -1.13 -20.24 14.09
CA PHE A 191 -0.36 -19.05 13.70
C PHE A 191 0.26 -18.41 14.95
N HIS A 192 1.10 -17.40 14.74
CA HIS A 192 1.74 -16.70 15.87
C HIS A 192 0.96 -15.42 16.22
N PRO A 193 0.73 -15.18 17.53
CA PRO A 193 0.14 -13.91 17.93
C PRO A 193 1.02 -12.74 17.49
N THR A 194 0.41 -11.58 17.29
CA THR A 194 1.19 -10.35 17.12
C THR A 194 1.95 -10.06 18.42
N LYS A 195 3.25 -9.78 18.33
CA LYS A 195 4.06 -9.48 19.53
C LYS A 195 3.59 -8.18 20.20
N GLU A 196 3.32 -8.25 21.50
CA GLU A 196 2.92 -7.06 22.27
C GLU A 196 4.11 -6.57 23.07
N LEU A 197 4.42 -5.28 22.95
CA LEU A 197 5.53 -4.66 23.68
C LEU A 197 5.01 -3.52 24.54
N PRO A 198 5.53 -3.41 25.77
CA PRO A 198 5.20 -2.26 26.62
C PRO A 198 5.78 -1.00 26.02
N THR A 199 4.99 0.07 26.00
CA THR A 199 5.47 1.36 25.50
C THR A 199 6.30 2.12 26.54
N ASN A 200 6.08 1.81 27.82
CA ASN A 200 6.67 2.55 28.95
C ASN A 200 6.40 4.06 28.87
N SER A 201 5.24 4.38 28.30
CA SER A 201 4.82 5.75 28.05
C SER A 201 3.54 6.04 28.83
N ASP A 202 3.22 7.33 28.97
CA ASP A 202 2.01 7.79 29.66
C ASP A 202 0.73 7.54 28.84
N GLY A 203 0.83 7.57 27.51
CA GLY A 203 -0.34 7.41 26.65
C GLY A 203 -0.72 5.95 26.47
N ILE A 204 -0.80 5.54 25.20
CA ILE A 204 -1.06 4.13 24.82
C ILE A 204 -0.03 3.20 25.48
N LYS A 205 -0.50 2.13 26.12
CA LYS A 205 0.36 1.28 26.97
C LYS A 205 1.04 0.07 26.27
N ILE A 206 0.38 -0.44 25.22
CA ILE A 206 0.86 -1.60 24.47
C ILE A 206 1.03 -1.23 23.01
N GLY A 207 2.17 -1.62 22.44
CA GLY A 207 2.39 -1.42 21.01
C GLY A 207 2.91 -2.65 20.29
N HIS A 208 2.88 -2.59 18.96
CA HIS A 208 3.41 -3.64 18.09
C HIS A 208 4.49 -3.02 17.23
N TYR A 209 5.48 -3.83 16.84
CA TYR A 209 6.63 -3.40 16.08
C TYR A 209 6.49 -3.67 14.57
N ASN A 210 6.93 -2.70 13.78
CA ASN A 210 7.05 -2.83 12.35
C ASN A 210 8.45 -3.34 12.02
N ILE A 211 8.53 -4.50 11.39
CA ILE A 211 9.84 -5.08 11.05
C ILE A 211 10.31 -4.69 9.64
N ARG A 212 9.54 -3.84 8.97
CA ARG A 212 9.99 -3.22 7.73
C ARG A 212 10.27 -1.75 8.03
N THR A 213 10.97 -1.07 7.14
CA THR A 213 11.18 0.37 7.30
C THR A 213 9.93 1.11 6.83
N ALA A 214 9.37 1.93 7.71
CA ALA A 214 8.18 2.72 7.36
C ALA A 214 8.44 3.82 6.32
N TRP A 215 9.68 4.29 6.21
CA TRP A 215 10.00 5.25 5.13
C TRP A 215 9.76 4.61 3.76
N TRP A 216 9.31 5.42 2.81
CA TRP A 216 9.15 4.99 1.44
C TRP A 216 10.52 5.04 0.78
N ASP A 217 11.30 3.97 0.96
CA ASP A 217 12.71 3.97 0.65
C ASP A 217 13.14 2.88 -0.34
N GLY A 218 12.18 2.24 -1.01
CA GLY A 218 12.48 1.14 -1.93
C GLY A 218 13.02 -0.13 -1.25
N SER A 219 12.75 -0.29 0.04
CA SER A 219 13.26 -1.43 0.80
C SER A 219 12.80 -2.82 0.25
N ALA A 220 11.72 -2.86 -0.52
CA ALA A 220 11.30 -4.11 -1.17
C ALA A 220 12.35 -4.55 -2.19
N VAL A 221 13.10 -3.58 -2.73
CA VAL A 221 14.22 -3.84 -3.64
C VAL A 221 15.55 -3.89 -2.89
N TYR A 222 15.74 -2.98 -1.93
CA TYR A 222 17.04 -2.80 -1.28
C TYR A 222 17.28 -3.59 0.00
N GLY A 223 16.23 -3.99 0.70
CA GLY A 223 16.40 -4.66 1.99
C GLY A 223 16.04 -3.73 3.15
N ASN A 224 15.73 -4.34 4.29
CA ASN A 224 15.30 -3.60 5.49
C ASN A 224 16.38 -3.31 6.49
N ASN A 225 17.57 -3.85 6.24
CA ASN A 225 18.76 -3.55 7.03
C ASN A 225 20.04 -3.89 6.28
N GLU A 226 21.18 -3.55 6.88
CA GLU A 226 22.47 -3.66 6.23
C GLU A 226 22.84 -5.11 5.93
N GLU A 227 22.42 -6.01 6.82
CA GLU A 227 22.70 -7.45 6.68
C GLU A 227 22.00 -8.02 5.44
N ARG A 228 20.77 -7.58 5.16
CA ARG A 228 20.08 -8.00 3.93
CA ARG A 228 20.06 -8.00 3.95
C ARG A 228 20.60 -7.27 2.70
N ALA A 229 20.83 -5.96 2.84
CA ALA A 229 21.24 -5.11 1.73
C ALA A 229 22.54 -5.57 1.09
N GLU A 230 23.52 -5.98 1.91
CA GLU A 230 24.82 -6.44 1.40
C GLU A 230 24.69 -7.65 0.46
N LYS A 231 23.69 -8.50 0.71
CA LYS A 231 23.47 -9.73 -0.07
C LYS A 231 23.04 -9.50 -1.51
N LEU A 232 22.58 -8.28 -1.79
CA LEU A 232 21.91 -7.97 -3.05
C LEU A 232 22.80 -7.19 -4.05
N ARG A 233 23.94 -6.73 -3.56
CA ARG A 233 24.82 -5.83 -4.30
C ARG A 233 25.94 -6.56 -5.03
N THR A 234 26.29 -6.06 -6.21
CA THR A 234 27.45 -6.55 -6.95
C THR A 234 28.74 -5.93 -6.45
N TYR A 235 28.63 -4.78 -5.77
CA TYR A 235 29.80 -4.01 -5.30
C TYR A 235 30.65 -3.43 -6.42
N VAL A 236 30.09 -3.39 -7.62
CA VAL A 236 30.72 -2.70 -8.75
C VAL A 236 29.71 -1.71 -9.34
N ASP A 237 30.12 -0.44 -9.46
CA ASP A 237 29.30 0.60 -10.11
C ASP A 237 27.95 0.87 -9.42
N GLY A 238 27.83 0.48 -8.16
CA GLY A 238 26.62 0.73 -7.37
C GLY A 238 25.47 -0.24 -7.60
N LYS A 239 25.73 -1.30 -8.36
CA LYS A 239 24.64 -2.13 -8.92
C LYS A 239 24.13 -3.26 -8.03
N LEU A 240 22.92 -3.71 -8.37
CA LEU A 240 22.25 -4.84 -7.72
C LEU A 240 22.27 -6.07 -8.63
N VAL A 241 22.23 -7.25 -8.01
CA VAL A 241 22.25 -8.51 -8.76
C VAL A 241 20.91 -8.83 -9.42
N ILE A 242 21.00 -9.34 -10.64
CA ILE A 242 19.81 -9.73 -11.43
C ILE A 242 20.21 -10.89 -12.35
N GLY A 243 19.26 -11.76 -12.69
CA GLY A 243 19.56 -12.86 -13.62
C GLY A 243 19.64 -12.42 -15.06
N ASP A 244 20.26 -13.26 -15.89
CA ASP A 244 20.39 -13.02 -17.32
C ASP A 244 19.06 -13.11 -18.08
N ASP A 245 18.03 -13.66 -17.45
CA ASP A 245 16.69 -13.64 -18.04
C ASP A 245 15.89 -12.38 -17.63
N GLY A 246 16.53 -11.45 -16.91
CA GLY A 246 15.84 -10.25 -16.41
C GLY A 246 14.92 -10.56 -15.21
N LEU A 247 15.09 -11.75 -14.63
CA LEU A 247 14.37 -12.12 -13.41
C LEU A 247 15.34 -12.13 -12.24
N LEU A 248 14.80 -12.05 -11.04
CA LEU A 248 15.59 -12.16 -9.82
C LEU A 248 16.35 -13.49 -9.78
N LEU A 249 17.54 -13.45 -9.20
CA LEU A 249 18.29 -14.65 -8.84
C LEU A 249 17.61 -15.33 -7.67
N HIS A 250 17.90 -16.62 -7.47
CA HIS A 250 17.37 -17.37 -6.33
C HIS A 250 18.46 -18.09 -5.59
N LYS A 251 18.29 -18.21 -4.27
CA LYS A 251 19.18 -19.01 -3.43
C LYS A 251 18.89 -20.49 -3.68
N GLU A 252 19.78 -21.36 -3.20
CA GLU A 252 19.60 -22.81 -3.38
C GLU A 252 18.29 -23.31 -2.76
N ASN A 253 17.82 -22.63 -1.71
CA ASN A 253 16.55 -23.00 -1.08
C ASN A 253 15.30 -22.52 -1.83
N GLY A 254 15.49 -21.83 -2.95
CA GLY A 254 14.38 -21.37 -3.79
C GLY A 254 13.92 -19.93 -3.53
N VAL A 255 14.44 -19.30 -2.47
CA VAL A 255 14.06 -17.94 -2.08
C VAL A 255 14.73 -16.88 -2.99
N ALA A 256 13.94 -15.89 -3.40
CA ALA A 256 14.41 -14.82 -4.29
C ALA A 256 15.45 -13.94 -3.60
N LEU A 257 16.46 -13.51 -4.35
CA LEU A 257 17.41 -12.49 -3.89
C LEU A 257 16.86 -11.10 -4.22
N SER A 258 16.06 -10.55 -3.32
CA SER A 258 15.62 -9.16 -3.43
C SER A 258 15.38 -8.63 -2.01
N GLY A 259 14.82 -7.42 -1.92
CA GLY A 259 14.79 -6.69 -0.65
C GLY A 259 13.86 -7.25 0.39
N ASP A 260 12.60 -7.45 0.03
CA ASP A 260 11.67 -8.08 0.95
C ASP A 260 10.81 -9.03 0.13
N ILE A 261 11.01 -10.32 0.36
CA ILE A 261 10.43 -11.35 -0.52
C ILE A 261 9.42 -12.25 0.20
N ARG A 262 8.97 -11.83 1.38
CA ARG A 262 8.14 -12.68 2.25
C ARG A 262 6.67 -12.68 1.85
N ASN A 263 6.06 -13.87 1.75
CA ASN A 263 4.64 -14.02 1.42
C ASN A 263 4.26 -13.35 0.08
N SER A 264 5.14 -13.55 -0.90
CA SER A 264 5.02 -12.91 -2.19
C SER A 264 4.47 -13.85 -3.28
N TRP A 265 4.41 -13.32 -4.49
CA TRP A 265 4.02 -14.09 -5.66
C TRP A 265 4.74 -13.53 -6.88
N ALA A 266 4.55 -14.21 -8.01
CA ALA A 266 5.29 -13.93 -9.25
C ALA A 266 5.09 -12.50 -9.74
N GLY A 267 3.90 -11.94 -9.54
CA GLY A 267 3.61 -10.56 -9.95
C GLY A 267 4.48 -9.52 -9.29
N VAL A 268 4.69 -9.69 -7.98
CA VAL A 268 5.61 -8.86 -7.22
C VAL A 268 7.06 -9.08 -7.68
N SER A 269 7.44 -10.34 -7.88
CA SER A 269 8.82 -10.64 -8.30
C SER A 269 9.20 -9.95 -9.60
N ILE A 270 8.26 -9.83 -10.55
CA ILE A 270 8.62 -9.13 -11.81
C ILE A 270 8.81 -7.62 -11.60
N LEU A 271 8.04 -7.04 -10.68
CA LEU A 271 8.23 -5.61 -10.35
C LEU A 271 9.55 -5.38 -9.66
N GLN A 272 9.93 -6.28 -8.74
CA GLN A 272 11.24 -6.17 -8.11
C GLN A 272 12.37 -6.25 -9.15
N ALA A 273 12.24 -7.19 -10.08
CA ALA A 273 13.25 -7.36 -11.15
C ALA A 273 13.33 -6.10 -12.03
N LEU A 274 12.16 -5.55 -12.34
CA LEU A 274 12.09 -4.35 -13.16
C LEU A 274 12.80 -3.18 -12.49
N PHE A 275 12.59 -3.01 -11.19
CA PHE A 275 13.19 -1.89 -10.46
C PHE A 275 14.65 -2.10 -10.11
N VAL A 276 15.07 -3.37 -10.04
CA VAL A 276 16.51 -3.68 -10.06
C VAL A 276 17.14 -3.16 -11.37
N LYS A 277 16.54 -3.45 -12.51
CA LYS A 277 17.05 -2.94 -13.78
C LYS A 277 17.01 -1.43 -13.83
N GLU A 278 15.97 -0.84 -13.22
CA GLU A 278 15.88 0.60 -13.14
C GLU A 278 17.07 1.18 -12.33
N HIS A 279 17.28 0.65 -11.14
CA HIS A 279 18.39 1.06 -10.30
C HIS A 279 19.74 0.97 -11.06
N ASN A 280 19.96 -0.15 -11.74
CA ASN A 280 21.21 -0.37 -12.49
C ASN A 280 21.37 0.62 -13.64
N ALA A 281 20.27 0.95 -14.31
CA ALA A 281 20.29 1.94 -15.38
C ALA A 281 20.61 3.36 -14.85
N VAL A 282 20.09 3.68 -13.67
CA VAL A 282 20.40 4.96 -13.01
C VAL A 282 21.89 5.01 -12.69
N CYS A 283 22.44 3.90 -12.16
CA CYS A 283 23.88 3.81 -11.92
C CYS A 283 24.70 4.11 -13.17
N ASP A 284 24.32 3.51 -14.29
CA ASP A 284 24.99 3.75 -15.57
C ASP A 284 24.94 5.23 -15.96
N ALA A 285 23.77 5.85 -15.80
CA ALA A 285 23.57 7.26 -16.17
C ALA A 285 24.36 8.23 -15.29
N ILE A 286 24.37 7.98 -13.98
CA ILE A 286 25.09 8.86 -13.06
C ILE A 286 26.62 8.74 -13.26
N LYS A 287 27.12 7.50 -13.31
CA LYS A 287 28.55 7.24 -13.55
C LYS A 287 29.05 7.89 -14.84
N GLU A 288 28.19 8.00 -15.85
CA GLU A 288 28.54 8.66 -17.09
C GLU A 288 28.80 10.15 -16.90
N GLU A 289 28.01 10.78 -16.02
CA GLU A 289 28.17 12.19 -15.70
C GLU A 289 29.28 12.43 -14.69
N HIS A 290 29.45 11.50 -13.75
CA HIS A 290 30.47 11.61 -12.71
C HIS A 290 31.33 10.36 -12.69
N PRO A 291 32.35 10.31 -13.58
CA PRO A 291 33.18 9.13 -13.82
C PRO A 291 33.91 8.56 -12.60
N ASN A 292 34.17 9.40 -11.61
CA ASN A 292 35.04 9.00 -10.48
C ASN A 292 34.35 8.56 -9.18
N LEU A 293 33.02 8.43 -9.20
CA LEU A 293 32.28 7.99 -8.01
C LEU A 293 32.60 6.55 -7.67
N SER A 294 32.64 6.23 -6.38
CA SER A 294 32.85 4.86 -5.97
C SER A 294 31.55 4.07 -6.16
N ASP A 295 31.63 2.76 -5.97
CA ASP A 295 30.46 1.88 -5.89
C ASP A 295 29.47 2.34 -4.81
N GLU A 296 29.97 2.71 -3.63
CA GLU A 296 29.09 3.15 -2.54
C GLU A 296 28.34 4.45 -2.87
N GLU A 297 29.04 5.43 -3.41
CA GLU A 297 28.40 6.69 -3.79
C GLU A 297 27.32 6.49 -4.87
N LEU A 298 27.64 5.70 -5.89
CA LEU A 298 26.68 5.42 -6.95
C LEU A 298 25.46 4.67 -6.41
N TYR A 299 25.68 3.69 -5.54
CA TYR A 299 24.58 2.98 -4.90
C TYR A 299 23.67 3.94 -4.12
N ARG A 300 24.28 4.86 -3.38
CA ARG A 300 23.51 5.81 -2.57
C ARG A 300 22.67 6.73 -3.45
N TYR A 301 23.27 7.27 -4.50
CA TYR A 301 22.53 8.17 -5.40
C TYR A 301 21.42 7.40 -6.13
N ALA A 302 21.74 6.21 -6.63
CA ALA A 302 20.76 5.42 -7.38
C ALA A 302 19.58 4.98 -6.53
N LYS A 303 19.84 4.65 -5.26
CA LYS A 303 18.75 4.30 -4.32
C LYS A 303 17.82 5.49 -4.08
N LEU A 304 18.40 6.67 -3.89
CA LEU A 304 17.61 7.90 -3.77
C LEU A 304 16.72 8.10 -4.99
N VAL A 305 17.30 7.99 -6.18
CA VAL A 305 16.56 8.17 -7.42
C VAL A 305 15.45 7.12 -7.60
N THR A 306 15.79 5.85 -7.39
CA THR A 306 14.85 4.76 -7.68
C THR A 306 13.68 4.79 -6.71
N SER A 307 13.97 5.04 -5.42
CA SER A 307 12.91 5.18 -4.42
C SER A 307 11.99 6.38 -4.72
N ALA A 308 12.53 7.48 -5.26
CA ALA A 308 11.70 8.62 -5.63
C ALA A 308 10.84 8.31 -6.85
N VAL A 309 11.42 7.59 -7.83
CA VAL A 309 10.66 7.11 -9.01
C VAL A 309 9.48 6.25 -8.56
N ILE A 310 9.76 5.30 -7.66
CA ILE A 310 8.69 4.46 -7.12
C ILE A 310 7.59 5.33 -6.46
N ALA A 311 7.98 6.25 -5.60
CA ALA A 311 6.95 7.11 -4.92
C ALA A 311 6.17 7.95 -5.94
N LYS A 312 6.85 8.44 -6.95
CA LYS A 312 6.21 9.25 -8.01
C LYS A 312 5.21 8.43 -8.84
N VAL A 313 5.64 7.26 -9.28
CA VAL A 313 4.76 6.37 -10.06
C VAL A 313 3.53 6.03 -9.23
N HIS A 314 3.73 5.72 -7.96
CA HIS A 314 2.60 5.40 -7.07
C HIS A 314 1.63 6.59 -6.95
N THR A 315 2.21 7.77 -6.75
CA THR A 315 1.43 8.98 -6.41
C THR A 315 0.63 9.51 -7.61
N ILE A 316 1.30 9.71 -8.75
CA ILE A 316 0.63 10.33 -9.90
C ILE A 316 0.19 9.38 -11.02
N ASP A 317 0.36 8.08 -10.82
CA ASP A 317 -0.04 7.11 -11.83
C ASP A 317 -0.92 6.04 -11.18
N TRP A 318 -0.33 5.23 -10.29
CA TRP A 318 -1.13 4.17 -9.64
C TRP A 318 -2.41 4.72 -8.94
N THR A 319 -2.24 5.71 -8.09
CA THR A 319 -3.35 6.26 -7.31
C THR A 319 -4.39 6.92 -8.20
N VAL A 320 -3.93 7.53 -9.28
CA VAL A 320 -4.82 8.22 -10.21
C VAL A 320 -5.74 7.25 -10.97
N GLU A 321 -5.24 6.03 -11.23
CA GLU A 321 -6.11 4.98 -11.83
C GLU A 321 -6.97 4.27 -10.81
N LEU A 322 -6.48 4.16 -9.57
CA LEU A 322 -7.25 3.60 -8.47
C LEU A 322 -8.51 4.43 -8.19
N LEU A 323 -8.33 5.75 -8.18
CA LEU A 323 -9.39 6.70 -7.88
C LEU A 323 -9.65 7.51 -9.14
N LYS A 324 -10.43 6.92 -10.03
CA LYS A 324 -10.51 7.40 -11.40
C LYS A 324 -11.57 8.52 -11.54
N THR A 325 -11.26 9.66 -10.93
CA THR A 325 -12.12 10.84 -10.99
C THR A 325 -11.25 12.06 -11.31
N LYS A 326 -11.88 13.11 -11.82
CA LYS A 326 -11.16 14.37 -12.09
C LYS A 326 -10.57 14.99 -10.82
N THR A 327 -11.32 14.97 -9.73
CA THR A 327 -10.86 15.59 -8.50
C THR A 327 -9.63 14.89 -7.98
N MET A 328 -9.63 13.56 -8.05
CA MET A 328 -8.49 12.83 -7.52
C MET A 328 -7.22 12.94 -8.38
N ARG A 329 -7.37 13.05 -9.70
CA ARG A 329 -6.19 13.28 -10.53
C ARG A 329 -5.55 14.63 -10.14
N ALA A 330 -6.40 15.67 -9.98
CA ALA A 330 -5.90 16.98 -9.56
C ALA A 330 -5.30 16.92 -8.16
N ALA A 331 -5.92 16.20 -7.23
CA ALA A 331 -5.40 16.11 -5.86
C ALA A 331 -4.05 15.43 -5.78
N MET A 332 -3.91 14.27 -6.43
CA MET A 332 -2.63 13.55 -6.34
C MET A 332 -1.52 14.33 -7.04
N ARG A 333 -1.85 14.95 -8.17
CA ARG A 333 -0.84 15.75 -8.86
C ARG A 333 -0.43 16.96 -8.02
N ALA A 334 -1.39 17.53 -7.29
CA ALA A 334 -1.09 18.65 -6.40
C ALA A 334 -0.16 18.23 -5.25
N ASN A 335 -0.34 17.01 -4.71
CA ASN A 335 0.59 16.52 -3.67
C ASN A 335 2.03 16.42 -4.17
N TRP A 336 2.18 16.01 -5.42
CA TRP A 336 3.51 15.82 -6.02
C TRP A 336 4.06 17.14 -6.59
N TYR A 337 3.34 17.74 -7.52
CA TYR A 337 3.84 18.88 -8.27
C TYR A 337 3.42 20.23 -7.69
N GLY A 338 2.31 20.23 -6.94
CA GLY A 338 1.71 21.47 -6.44
C GLY A 338 0.60 21.94 -7.34
N LEU A 339 -0.32 22.72 -6.79
CA LEU A 339 -1.38 23.30 -7.57
C LEU A 339 -0.91 24.28 -8.64
N LEU A 340 0.32 24.77 -8.54
CA LEU A 340 0.86 25.58 -9.65
C LEU A 340 1.26 24.73 -10.85
N GLY A 341 1.44 23.42 -10.65
CA GLY A 341 1.61 22.47 -11.75
C GLY A 341 3.03 22.12 -12.10
N LYS A 342 3.15 21.05 -12.89
CA LYS A 342 4.44 20.49 -13.28
C LYS A 342 5.35 21.50 -14.02
N LYS A 343 4.81 22.26 -14.98
CA LYS A 343 5.69 23.16 -15.75
C LYS A 343 6.43 24.16 -14.86
N ILE A 344 5.67 24.80 -13.96
CA ILE A 344 6.22 25.72 -12.99
C ILE A 344 7.16 25.04 -11.99
N LYS A 345 6.74 23.89 -11.47
CA LYS A 345 7.57 23.11 -10.53
C LYS A 345 8.91 22.74 -11.16
N ASP A 346 8.87 22.23 -12.40
CA ASP A 346 10.07 21.76 -13.10
C ASP A 346 11.02 22.92 -13.49
N THR A 347 10.44 24.08 -13.78
CA THR A 347 11.24 25.25 -14.21
C THR A 347 11.75 26.10 -13.07
N PHE A 348 10.89 26.35 -12.08
CA PHE A 348 11.19 27.32 -11.03
C PHE A 348 11.35 26.71 -9.64
N GLY A 349 11.15 25.40 -9.52
CA GLY A 349 11.21 24.76 -8.21
C GLY A 349 9.92 24.97 -7.41
N HIS A 350 10.00 24.58 -6.15
CA HIS A 350 8.89 24.67 -5.21
C HIS A 350 8.56 26.13 -4.84
N ILE A 351 7.29 26.49 -4.96
CA ILE A 351 6.82 27.87 -4.73
C ILE A 351 5.64 27.78 -3.77
N GLY A 352 5.58 28.67 -2.79
CA GLY A 352 4.50 28.66 -1.79
C GLY A 352 4.63 27.51 -0.81
N GLY A 353 3.50 27.03 -0.32
CA GLY A 353 3.50 25.97 0.67
C GLY A 353 3.10 24.63 0.07
N PRO A 354 2.57 23.74 0.93
CA PRO A 354 2.21 22.39 0.52
C PRO A 354 1.16 22.36 -0.59
N ILE A 355 0.29 23.38 -0.64
CA ILE A 355 -0.74 23.41 -1.68
C ILE A 355 -0.19 23.90 -3.02
N LEU A 356 0.44 25.07 -3.03
CA LEU A 356 0.87 25.67 -4.29
C LEU A 356 2.07 24.94 -4.93
N GLY A 357 3.00 24.52 -4.08
CA GLY A 357 4.24 23.91 -4.52
C GLY A 357 4.31 22.41 -4.36
N GLY A 358 3.39 21.85 -3.57
CA GLY A 358 3.34 20.42 -3.35
C GLY A 358 4.04 20.01 -2.06
N LEU A 359 3.87 18.73 -1.69
CA LEU A 359 4.57 18.15 -0.56
C LEU A 359 6.02 17.91 -0.95
N VAL A 360 6.23 17.45 -2.19
CA VAL A 360 7.57 17.18 -2.69
C VAL A 360 8.36 18.46 -2.90
N GLY A 361 9.52 18.57 -2.26
CA GLY A 361 10.34 19.78 -2.41
C GLY A 361 10.03 20.88 -1.40
N LEU A 362 9.22 20.58 -0.39
CA LEU A 362 9.06 21.51 0.73
C LEU A 362 10.44 21.74 1.35
N LYS A 363 10.68 22.96 1.82
CA LYS A 363 12.00 23.31 2.33
C LYS A 363 12.35 22.60 3.63
N LYS A 364 11.33 22.18 4.40
CA LYS A 364 11.53 21.39 5.63
C LYS A 364 10.51 20.24 5.68
N PRO A 365 10.90 19.09 6.25
CA PRO A 365 9.88 18.07 6.48
C PRO A 365 8.92 18.54 7.58
N ASN A 366 7.74 17.95 7.64
CA ASN A 366 6.75 18.32 8.64
C ASN A 366 6.04 17.05 9.11
N ASN A 367 6.21 16.72 10.39
CA ASN A 367 5.54 15.55 10.98
C ASN A 367 4.30 15.91 11.80
N HIS A 368 3.91 17.19 11.75
CA HIS A 368 2.76 17.73 12.49
C HIS A 368 2.77 17.43 13.98
N GLY A 369 3.98 17.40 14.56
CA GLY A 369 4.14 17.24 16.01
C GLY A 369 4.17 15.80 16.51
N VAL A 370 4.12 14.83 15.60
CA VAL A 370 4.12 13.41 16.00
C VAL A 370 5.15 12.65 15.16
N PRO A 371 6.11 11.95 15.83
CA PRO A 371 7.18 11.26 15.07
C PRO A 371 6.61 10.37 13.96
N TYR A 372 7.24 10.37 12.80
CA TYR A 372 6.77 9.58 11.67
C TYR A 372 6.70 8.08 12.00
N SER A 373 5.58 7.46 11.63
CA SER A 373 5.46 6.02 11.56
C SER A 373 4.29 5.72 10.61
N LEU A 374 4.22 4.49 10.13
CA LEU A 374 2.97 3.99 9.61
C LEU A 374 2.17 3.40 10.79
N THR A 375 0.86 3.30 10.62
CA THR A 375 -0.03 3.07 11.75
C THR A 375 -0.75 1.75 11.65
N GLU A 376 -1.27 1.31 12.80
CA GLU A 376 -2.10 0.10 12.86
C GLU A 376 -3.25 0.14 11.86
N GLU A 377 -3.91 1.29 11.78
CA GLU A 377 -5.09 1.47 10.93
C GLU A 377 -4.73 1.50 9.44
N PHE A 378 -3.56 2.05 9.11
CA PHE A 378 -3.04 2.06 7.73
C PHE A 378 -2.86 0.59 7.28
N THR A 379 -2.38 -0.25 8.18
CA THR A 379 -2.27 -1.70 7.86
C THR A 379 -3.66 -2.27 7.55
N SER A 380 -4.64 -2.00 8.42
CA SER A 380 -5.98 -2.58 8.29
C SER A 380 -6.70 -2.19 6.99
N VAL A 381 -6.59 -0.93 6.59
CA VAL A 381 -7.33 -0.50 5.39
C VAL A 381 -6.60 -0.87 4.10
N PHE A 382 -5.35 -1.32 4.24
CA PHE A 382 -4.63 -1.87 3.10
C PHE A 382 -4.77 -3.38 2.92
N ARG A 383 -5.67 -4.01 3.67
CA ARG A 383 -5.92 -5.46 3.49
C ARG A 383 -6.80 -5.64 2.25
N MET A 384 -6.17 -5.86 1.11
CA MET A 384 -6.86 -5.87 -0.18
C MET A 384 -6.58 -7.16 -0.95
N HIS A 385 -6.65 -8.28 -0.24
CA HIS A 385 -6.34 -9.56 -0.87
C HIS A 385 -7.31 -9.97 -2.00
N SER A 386 -8.52 -9.41 -2.00
CA SER A 386 -9.50 -9.69 -3.04
C SER A 386 -9.13 -9.14 -4.43
N LEU A 387 -8.11 -8.30 -4.50
CA LEU A 387 -7.59 -7.83 -5.81
C LEU A 387 -7.03 -8.94 -6.70
N ILE A 388 -6.64 -10.06 -6.10
CA ILE A 388 -5.99 -11.12 -6.87
C ILE A 388 -7.04 -11.99 -7.59
N PRO A 389 -6.95 -12.12 -8.93
CA PRO A 389 -7.88 -12.98 -9.67
C PRO A 389 -7.60 -14.47 -9.41
N SER A 390 -8.53 -15.33 -9.78
CA SER A 390 -8.40 -16.77 -9.53
C SER A 390 -7.47 -17.42 -10.55
N THR A 391 -7.45 -16.84 -11.75
CA THR A 391 -6.69 -17.41 -12.86
C THR A 391 -6.02 -16.30 -13.65
N LEU A 392 -4.87 -16.61 -14.27
CA LEU A 392 -4.15 -15.68 -15.13
C LEU A 392 -4.19 -16.21 -16.56
N LYS A 393 -4.67 -15.36 -17.47
CA LYS A 393 -4.70 -15.70 -18.89
C LYS A 393 -3.37 -15.33 -19.54
N LEU A 394 -2.57 -16.34 -19.87
CA LEU A 394 -1.25 -16.06 -20.47
C LEU A 394 -1.39 -15.71 -21.93
N ARG A 395 -0.66 -14.70 -22.35
CA ARG A 395 -0.71 -14.24 -23.73
C ARG A 395 0.68 -14.30 -24.36
N ASP A 396 0.69 -14.36 -25.69
CA ASP A 396 1.90 -14.53 -26.47
C ASP A 396 2.47 -13.17 -26.91
N PRO A 397 3.60 -12.76 -26.33
CA PRO A 397 4.18 -11.47 -26.71
C PRO A 397 4.50 -11.30 -28.18
N THR A 398 4.66 -12.37 -28.95
CA THR A 398 4.90 -12.20 -30.39
C THR A 398 3.83 -12.83 -31.27
N GLY A 399 2.67 -13.10 -30.70
CA GLY A 399 1.56 -13.67 -31.46
C GLY A 399 0.94 -12.71 -32.43
N GLN A 400 0.18 -13.25 -33.38
CA GLN A 400 -0.63 -12.45 -34.30
C GLN A 400 -1.75 -11.79 -33.51
N PRO A 401 -1.93 -10.46 -33.67
CA PRO A 401 -3.04 -9.76 -33.00
C PRO A 401 -4.39 -10.44 -33.29
N ASP A 402 -5.14 -10.75 -32.23
CA ASP A 402 -6.40 -11.50 -32.38
C ASP A 402 -7.56 -10.62 -32.89
N ALA A 403 -8.78 -11.14 -32.76
CA ALA A 403 -9.99 -10.45 -33.22
C ALA A 403 -10.17 -9.09 -32.56
N ASN A 404 -9.67 -8.96 -31.34
CA ASN A 404 -9.69 -7.70 -30.58
C ASN A 404 -8.42 -6.84 -30.76
N ASN A 405 -7.44 -7.36 -31.51
CA ASN A 405 -6.10 -6.75 -31.65
C ASN A 405 -5.23 -6.85 -30.37
N SER A 406 -5.68 -7.70 -29.46
CA SER A 406 -4.93 -8.15 -28.29
C SER A 406 -3.89 -9.21 -28.70
N PRO A 407 -2.88 -9.47 -27.85
CA PRO A 407 -2.05 -10.65 -28.12
C PRO A 407 -2.87 -11.91 -27.84
N PRO A 408 -2.61 -12.99 -28.60
CA PRO A 408 -3.51 -14.15 -28.48
C PRO A 408 -3.29 -14.90 -27.17
N CYS A 409 -4.37 -15.53 -26.69
CA CYS A 409 -4.37 -16.33 -25.48
C CYS A 409 -3.60 -17.64 -25.69
N LEU A 410 -2.89 -18.08 -24.66
CA LEU A 410 -2.09 -19.31 -24.75
C LEU A 410 -2.62 -20.43 -23.86
N GLU A 411 -2.98 -20.07 -22.63
CA GLU A 411 -3.53 -20.98 -21.64
C GLU A 411 -3.91 -20.21 -20.39
N ASP A 412 -4.89 -20.71 -19.66
CA ASP A 412 -5.28 -20.20 -18.34
C ASP A 412 -4.41 -20.90 -17.29
N ILE A 413 -3.80 -20.12 -16.39
CA ILE A 413 -3.09 -20.73 -15.29
C ILE A 413 -3.74 -20.34 -13.97
N ASP A 414 -3.90 -21.32 -13.09
CA ASP A 414 -4.38 -21.12 -11.73
C ASP A 414 -3.38 -20.23 -10.98
N ILE A 415 -3.83 -19.07 -10.49
CA ILE A 415 -2.92 -18.14 -9.81
C ILE A 415 -2.34 -18.75 -8.53
N GLY A 416 -3.03 -19.74 -7.97
CA GLY A 416 -2.46 -20.51 -6.84
C GLY A 416 -1.12 -21.16 -7.15
N GLU A 417 -0.88 -21.46 -8.43
CA GLU A 417 0.39 -22.03 -8.89
C GLU A 417 1.49 -20.97 -9.04
N MET A 418 1.12 -19.69 -8.92
CA MET A 418 2.06 -18.58 -9.15
CA MET A 418 2.07 -18.60 -9.13
C MET A 418 2.50 -17.90 -7.84
N ILE A 419 2.17 -18.50 -6.70
CA ILE A 419 2.39 -17.90 -5.40
CA ILE A 419 2.44 -17.86 -5.43
C ILE A 419 3.56 -18.55 -4.67
N GLY A 420 4.31 -17.75 -3.91
CA GLY A 420 5.35 -18.26 -3.03
C GLY A 420 6.51 -18.92 -3.77
N LEU A 421 7.14 -19.89 -3.11
CA LEU A 421 8.32 -20.55 -3.68
C LEU A 421 7.98 -21.27 -4.98
N LYS A 422 6.86 -21.99 -5.03
CA LYS A 422 6.48 -22.65 -6.28
C LYS A 422 6.19 -21.66 -7.41
N GLY A 423 5.65 -20.50 -7.05
CA GLY A 423 5.45 -19.39 -7.99
C GLY A 423 6.73 -18.89 -8.63
N GLU A 424 7.81 -18.81 -7.86
CA GLU A 424 9.12 -18.44 -8.41
C GLU A 424 9.59 -19.46 -9.44
N GLU A 425 9.33 -20.74 -9.19
CA GLU A 425 9.68 -21.80 -10.17
C GLU A 425 8.88 -21.66 -11.46
N GLN A 426 7.59 -21.35 -11.34
CA GLN A 426 6.73 -21.25 -12.51
C GLN A 426 7.08 -20.00 -13.33
N LEU A 427 7.42 -18.93 -12.62
CA LEU A 427 7.85 -17.69 -13.30
C LEU A 427 9.11 -17.90 -14.12
N SER A 428 10.01 -18.73 -13.62
CA SER A 428 11.25 -19.09 -14.34
C SER A 428 11.03 -19.82 -15.66
N LYS A 429 9.84 -20.37 -15.86
CA LYS A 429 9.47 -21.04 -17.11
C LYS A 429 8.64 -20.14 -18.04
N ILE A 430 8.12 -19.05 -17.49
CA ILE A 430 7.22 -18.17 -18.23
C ILE A 430 8.00 -16.97 -18.78
N GLY A 431 8.85 -16.38 -17.95
CA GLY A 431 9.70 -15.27 -18.36
C GLY A 431 9.04 -13.92 -18.12
N PHE A 432 9.85 -12.86 -18.10
CA PHE A 432 9.36 -11.50 -17.78
C PHE A 432 8.28 -10.98 -18.74
N GLU A 433 8.58 -10.97 -20.03
CA GLU A 433 7.69 -10.39 -21.03
C GLU A 433 6.30 -11.02 -21.04
N LYS A 434 6.24 -12.33 -21.08
CA LYS A 434 4.95 -13.02 -21.06
C LYS A 434 4.17 -12.75 -19.75
N GLN A 435 4.86 -12.80 -18.61
CA GLN A 435 4.18 -12.55 -17.33
C GLN A 435 3.60 -11.12 -17.29
N ALA A 436 4.42 -10.14 -17.69
CA ALA A 436 4.07 -8.72 -17.59
C ALA A 436 2.95 -8.37 -18.57
N LEU A 437 3.08 -8.85 -19.81
CA LEU A 437 2.04 -8.68 -20.82
C LEU A 437 0.71 -9.27 -20.38
N SER A 438 0.76 -10.49 -19.86
CA SER A 438 -0.45 -11.20 -19.42
C SER A 438 -1.15 -10.46 -18.27
N MET A 439 -0.35 -9.99 -17.31
CA MET A 439 -0.87 -9.18 -16.21
C MET A 439 -1.44 -7.81 -16.66
N GLY A 440 -0.80 -7.21 -17.66
CA GLY A 440 -1.25 -5.94 -18.22
C GLY A 440 -2.58 -6.03 -18.92
N TYR A 441 -2.84 -7.18 -19.56
CA TYR A 441 -4.06 -7.40 -20.34
C TYR A 441 -5.23 -7.97 -19.57
N GLN A 442 -5.07 -8.16 -18.28
CA GLN A 442 -6.16 -8.72 -17.46
C GLN A 442 -6.57 -7.79 -16.30
N ALA A 443 -7.88 -7.62 -16.09
CA ALA A 443 -8.41 -6.82 -14.96
C ALA A 443 -8.08 -7.52 -13.63
N CYS A 444 -7.82 -6.75 -12.57
CA CYS A 444 -7.67 -7.39 -11.25
C CYS A 444 -9.06 -7.55 -10.62
N GLY A 445 -9.11 -8.13 -9.43
CA GLY A 445 -10.38 -8.34 -8.74
C GLY A 445 -10.88 -7.06 -8.08
N ALA A 446 -12.20 -6.95 -7.91
CA ALA A 446 -12.82 -5.83 -7.19
C ALA A 446 -12.80 -6.03 -5.66
N LEU A 447 -12.72 -4.92 -4.93
CA LEU A 447 -12.76 -4.96 -3.46
C LEU A 447 -14.20 -4.91 -3.02
N GLU A 448 -14.85 -6.06 -3.11
CA GLU A 448 -16.26 -6.21 -2.76
C GLU A 448 -16.35 -7.48 -1.91
N LEU A 449 -17.49 -7.70 -1.28
CA LEU A 449 -17.78 -8.97 -0.60
C LEU A 449 -17.76 -10.16 -1.56
N TRP A 450 -17.62 -11.37 -1.01
CA TRP A 450 -17.63 -12.61 -1.79
C TRP A 450 -16.65 -12.57 -2.95
N ASN A 451 -15.44 -12.11 -2.70
CA ASN A 451 -14.48 -12.02 -3.79
C ASN A 451 -13.08 -12.35 -3.35
N TYR A 452 -12.98 -13.14 -2.29
CA TYR A 452 -11.68 -13.51 -1.71
C TYR A 452 -11.23 -14.87 -2.31
N PRO A 453 -10.09 -14.88 -3.02
CA PRO A 453 -9.59 -16.06 -3.74
C PRO A 453 -9.49 -17.32 -2.89
N SER A 454 -9.96 -18.44 -3.44
CA SER A 454 -9.93 -19.72 -2.74
C SER A 454 -8.52 -20.18 -2.33
N PHE A 455 -7.50 -19.85 -3.10
CA PHE A 455 -6.15 -20.25 -2.73
C PHE A 455 -5.61 -19.57 -1.44
N PHE A 456 -6.19 -18.43 -1.06
CA PHE A 456 -5.85 -17.80 0.22
C PHE A 456 -6.44 -18.53 1.43
N ARG A 457 -7.41 -19.41 1.21
CA ARG A 457 -8.07 -20.14 2.31
CA ARG A 457 -8.06 -20.12 2.32
C ARG A 457 -7.29 -21.38 2.76
N ASN A 458 -6.25 -21.72 2.00
CA ASN A 458 -5.37 -22.85 2.38
CA ASN A 458 -5.41 -22.88 2.25
C ASN A 458 -3.94 -22.56 1.95
N LEU A 459 -3.46 -21.45 2.48
CA LEU A 459 -2.22 -20.83 2.03
C LEU A 459 -1.05 -21.24 2.88
N ILE A 460 0.09 -21.48 2.23
CA ILE A 460 1.36 -21.66 2.95
C ILE A 460 1.99 -20.29 3.30
N PRO A 461 2.11 -19.96 4.61
CA PRO A 461 2.73 -18.69 4.97
C PRO A 461 4.23 -18.89 5.13
N GLN A 462 4.98 -17.81 5.15
CA GLN A 462 6.43 -17.94 5.19
C GLN A 462 7.06 -17.39 6.45
N ASN A 463 8.24 -17.92 6.78
CA ASN A 463 9.09 -17.36 7.83
C ASN A 463 9.71 -16.04 7.38
N LEU A 464 10.36 -15.35 8.30
CA LEU A 464 11.06 -14.10 8.01
C LEU A 464 12.03 -14.26 6.85
N ASP A 465 12.73 -15.40 6.81
CA ASP A 465 13.74 -15.68 5.80
C ASP A 465 13.19 -16.17 4.44
N GLY A 466 11.86 -16.18 4.31
CA GLY A 466 11.22 -16.54 3.05
C GLY A 466 10.87 -18.01 2.91
N THR A 467 11.31 -18.86 3.84
CA THR A 467 11.03 -20.30 3.75
C THR A 467 9.60 -20.64 4.19
N ASN A 468 9.10 -21.79 3.73
CA ASN A 468 7.73 -22.21 4.02
C ASN A 468 7.50 -22.68 5.44
N ARG A 469 6.37 -22.29 6.02
CA ARG A 469 5.94 -22.83 7.30
C ARG A 469 5.07 -24.04 7.02
N SER A 470 5.05 -24.99 7.95
CA SER A 470 4.19 -26.16 7.80
C SER A 470 2.72 -25.91 8.16
N ASP A 471 2.42 -24.89 8.97
CA ASP A 471 1.03 -24.62 9.30
C ASP A 471 0.39 -23.70 8.27
N ARG A 472 -0.43 -24.28 7.39
CA ARG A 472 -1.15 -23.48 6.38
C ARG A 472 -2.22 -22.65 7.09
N ILE A 473 -2.63 -21.54 6.47
CA ILE A 473 -3.59 -20.64 7.11
C ILE A 473 -4.80 -20.37 6.22
N ASP A 474 -5.90 -20.01 6.85
CA ASP A 474 -7.01 -19.42 6.14
C ASP A 474 -6.85 -17.90 6.31
N LEU A 475 -6.27 -17.26 5.29
CA LEU A 475 -5.93 -15.83 5.38
C LEU A 475 -7.14 -14.91 5.69
N ALA A 476 -8.29 -15.17 5.08
CA ALA A 476 -9.48 -14.37 5.33
C ALA A 476 -9.88 -14.41 6.82
N ALA A 477 -9.84 -15.59 7.40
CA ALA A 477 -10.18 -15.75 8.81
C ALA A 477 -9.12 -15.08 9.68
N LEU A 478 -7.85 -15.27 9.34
CA LEU A 478 -6.75 -14.64 10.09
C LEU A 478 -6.81 -13.10 10.06
N GLU A 479 -7.11 -12.51 8.89
CA GLU A 479 -7.21 -11.04 8.79
C GLU A 479 -8.24 -10.42 9.74
N VAL A 480 -9.42 -11.00 9.78
CA VAL A 480 -10.45 -10.56 10.69
C VAL A 480 -9.94 -10.70 12.14
N TYR A 481 -9.32 -11.84 12.45
CA TYR A 481 -8.72 -12.01 13.77
C TYR A 481 -7.66 -10.95 14.10
N ARG A 482 -6.76 -10.65 13.16
CA ARG A 482 -5.70 -9.67 13.38
C ARG A 482 -6.21 -8.27 13.75
N ASP A 483 -7.22 -7.78 13.02
CA ASP A 483 -7.76 -6.43 13.33
C ASP A 483 -8.26 -6.36 14.77
N ARG A 484 -8.97 -7.41 15.20
CA ARG A 484 -9.50 -7.48 16.59
C ARG A 484 -8.37 -7.58 17.61
N GLU A 485 -7.41 -8.47 17.33
CA GLU A 485 -6.25 -8.72 18.19
C GLU A 485 -5.44 -7.44 18.44
N ARG A 486 -5.36 -6.60 17.41
CA ARG A 486 -4.54 -5.39 17.45
C ARG A 486 -5.34 -4.17 17.92
N SER A 487 -6.57 -4.40 18.40
CA SER A 487 -7.40 -3.36 19.03
C SER A 487 -7.81 -2.23 18.09
N VAL A 488 -7.87 -2.53 16.79
CA VAL A 488 -8.33 -1.55 15.78
C VAL A 488 -9.85 -1.46 15.90
N PRO A 489 -10.40 -0.23 15.99
CA PRO A 489 -11.86 -0.15 16.13
C PRO A 489 -12.61 -0.86 14.99
N ARG A 490 -13.78 -1.43 15.30
CA ARG A 490 -14.62 -2.06 14.26
C ARG A 490 -15.26 -0.99 13.37
N TYR A 491 -15.88 -1.42 12.27
CA TYR A 491 -16.24 -0.50 11.18
C TYR A 491 -16.91 0.81 11.61
N ASN A 492 -18.01 0.72 12.35
CA ASN A 492 -18.78 1.94 12.68
C ASN A 492 -18.03 2.96 13.54
N GLU A 493 -17.37 2.47 14.59
CA GLU A 493 -16.51 3.31 15.43
C GLU A 493 -15.31 3.88 14.65
N PHE A 494 -14.72 3.06 13.78
CA PHE A 494 -13.62 3.51 12.91
C PHE A 494 -14.07 4.75 12.12
N ARG A 495 -15.25 4.70 11.52
CA ARG A 495 -15.82 5.83 10.78
C ARG A 495 -16.00 7.09 11.66
N ARG A 496 -16.62 6.92 12.84
CA ARG A 496 -16.80 8.03 13.81
C ARG A 496 -15.47 8.72 14.12
N ARG A 497 -14.41 7.93 14.30
CA ARG A 497 -13.09 8.49 14.67
C ARG A 497 -12.46 9.29 13.54
N LEU A 498 -12.94 9.07 12.32
CA LEU A 498 -12.46 9.84 11.16
C LEU A 498 -13.42 10.99 10.79
N PHE A 499 -14.35 11.32 11.69
CA PHE A 499 -15.37 12.38 11.44
C PHE A 499 -16.26 12.04 10.25
N LEU A 500 -16.54 10.76 10.10
CA LEU A 500 -17.44 10.27 9.07
C LEU A 500 -18.75 9.84 9.73
N ILE A 501 -19.84 9.97 8.98
CA ILE A 501 -21.16 9.65 9.55
C ILE A 501 -21.32 8.12 9.66
N PRO A 502 -21.67 7.61 10.86
CA PRO A 502 -21.80 6.15 11.04
C PRO A 502 -23.08 5.63 10.37
N ILE A 503 -23.14 4.32 10.12
CA ILE A 503 -24.38 3.69 9.66
C ILE A 503 -25.31 3.53 10.86
N LYS A 504 -26.63 3.63 10.61
CA LYS A 504 -27.65 3.31 11.61
C LYS A 504 -28.22 1.91 11.35
N SER A 505 -28.28 1.52 10.08
CA SER A 505 -28.77 0.21 9.68
C SER A 505 -27.90 -0.35 8.56
N TRP A 506 -28.09 -1.63 8.23
CA TRP A 506 -27.36 -2.25 7.15
C TRP A 506 -27.64 -1.60 5.79
N GLU A 507 -28.84 -1.08 5.59
CA GLU A 507 -29.21 -0.37 4.36
C GLU A 507 -28.38 0.87 4.07
N ASP A 508 -27.85 1.49 5.12
CA ASP A 508 -26.94 2.63 4.97
C ASP A 508 -25.60 2.21 4.36
N LEU A 509 -25.26 0.93 4.52
CA LEU A 509 -23.94 0.43 4.12
C LEU A 509 -23.87 0.09 2.63
N THR A 510 -24.91 -0.58 2.16
CA THR A 510 -25.00 -1.08 0.79
C THR A 510 -26.46 -1.31 0.40
N SER A 511 -26.74 -1.35 -0.89
CA SER A 511 -28.07 -1.69 -1.39
C SER A 511 -28.16 -3.14 -1.93
N ASP A 512 -27.04 -3.86 -1.87
CA ASP A 512 -27.04 -5.29 -2.16
C ASP A 512 -27.87 -6.04 -1.10
N LYS A 513 -29.07 -6.46 -1.49
CA LYS A 513 -30.00 -7.11 -0.56
C LYS A 513 -29.45 -8.43 0.00
N ASP A 514 -28.75 -9.17 -0.86
CA ASP A 514 -28.14 -10.44 -0.46
C ASP A 514 -27.03 -10.24 0.57
N ALA A 515 -26.21 -9.20 0.37
CA ALA A 515 -25.17 -8.82 1.32
C ALA A 515 -25.78 -8.52 2.69
N ILE A 516 -26.85 -7.72 2.68
CA ILE A 516 -27.54 -7.32 3.90
C ILE A 516 -28.08 -8.55 4.67
N GLU A 517 -28.71 -9.46 3.96
CA GLU A 517 -29.32 -10.63 4.60
C GLU A 517 -28.26 -11.53 5.25
N THR A 518 -27.14 -11.72 4.53
CA THR A 518 -26.03 -12.51 5.06
C THR A 518 -25.40 -11.84 6.28
N ILE A 519 -25.23 -10.52 6.22
CA ILE A 519 -24.61 -9.77 7.32
C ILE A 519 -25.47 -9.90 8.57
N ARG A 520 -26.78 -9.73 8.40
CA ARG A 520 -27.72 -9.87 9.51
C ARG A 520 -27.71 -11.27 10.12
N ALA A 521 -27.59 -12.31 9.28
CA ALA A 521 -27.55 -13.69 9.81
C ALA A 521 -26.31 -13.92 10.69
N ILE A 522 -25.25 -13.15 10.45
CA ILE A 522 -24.01 -13.32 11.20
C ILE A 522 -23.84 -12.34 12.37
N TYR A 523 -24.15 -11.07 12.12
CA TYR A 523 -23.95 -10.01 13.11
C TYR A 523 -25.22 -9.59 13.85
N GLY A 524 -26.37 -10.11 13.41
CA GLY A 524 -27.66 -9.68 13.96
C GLY A 524 -27.97 -8.27 13.48
N ASP A 525 -28.54 -7.45 14.37
CA ASP A 525 -28.80 -6.05 14.04
C ASP A 525 -27.84 -5.08 14.72
N ASP A 526 -26.77 -5.62 15.31
CA ASP A 526 -25.76 -4.80 15.98
C ASP A 526 -24.72 -4.28 14.99
N VAL A 527 -24.95 -3.06 14.50
CA VAL A 527 -24.01 -2.41 13.58
C VAL A 527 -22.63 -2.16 14.21
N GLU A 528 -22.57 -2.11 15.54
CA GLU A 528 -21.32 -1.90 16.23
C GLU A 528 -20.42 -3.14 16.18
N LYS A 529 -21.02 -4.30 15.91
CA LYS A 529 -20.27 -5.57 15.81
C LYS A 529 -19.59 -5.80 14.46
N LEU A 530 -20.09 -5.16 13.41
CA LEU A 530 -19.54 -5.34 12.06
C LEU A 530 -18.04 -5.11 12.01
N ASP A 531 -17.30 -6.12 11.56
CA ASP A 531 -15.87 -6.05 11.43
C ASP A 531 -15.45 -5.01 10.39
N LEU A 532 -14.30 -4.40 10.64
CA LEU A 532 -13.76 -3.37 9.77
C LEU A 532 -13.61 -3.91 8.35
N LEU A 533 -12.95 -5.06 8.19
CA LEU A 533 -12.67 -5.56 6.85
C LEU A 533 -13.97 -5.80 6.07
N VAL A 534 -15.01 -6.33 6.76
CA VAL A 534 -16.27 -6.66 6.10
C VAL A 534 -16.94 -5.34 5.63
N GLY A 535 -16.94 -4.35 6.52
CA GLY A 535 -17.47 -3.03 6.20
C GLY A 535 -16.75 -2.39 5.03
N LEU A 536 -15.42 -2.44 5.04
CA LEU A 536 -14.63 -1.84 3.96
C LEU A 536 -14.96 -2.47 2.60
N MET A 537 -15.10 -3.80 2.56
CA MET A 537 -15.44 -4.51 1.31
C MET A 537 -16.88 -4.21 0.88
N ALA A 538 -17.80 -4.15 1.83
CA ALA A 538 -19.24 -4.01 1.54
C ALA A 538 -19.68 -2.61 1.12
N GLU A 539 -18.95 -1.59 1.57
CA GLU A 539 -19.40 -0.21 1.50
C GLU A 539 -19.64 0.20 0.04
N LYS A 540 -20.80 0.80 -0.24
CA LYS A 540 -21.10 1.31 -1.58
C LYS A 540 -19.99 2.28 -2.03
N LYS A 541 -19.52 2.15 -3.27
CA LYS A 541 -18.35 2.93 -3.67
C LYS A 541 -18.69 4.20 -4.46
N ILE A 542 -17.87 5.22 -4.29
CA ILE A 542 -17.95 6.43 -5.11
C ILE A 542 -17.66 6.03 -6.56
N LYS A 543 -18.42 6.57 -7.51
CA LYS A 543 -18.15 6.36 -8.93
C LYS A 543 -16.66 6.58 -9.26
N GLY A 544 -16.01 5.57 -9.84
CA GLY A 544 -14.60 5.68 -10.20
C GLY A 544 -13.63 5.19 -9.11
N PHE A 545 -14.13 5.05 -7.88
CA PHE A 545 -13.25 4.64 -6.76
C PHE A 545 -13.17 3.13 -6.70
N ALA A 546 -11.94 2.59 -6.70
CA ALA A 546 -11.79 1.15 -6.46
C ALA A 546 -11.82 0.79 -4.97
N ILE A 547 -11.73 1.79 -4.09
CA ILE A 547 -11.66 1.56 -2.64
C ILE A 547 -12.86 2.24 -1.95
N SER A 548 -13.09 1.89 -0.67
CA SER A 548 -14.13 2.54 0.11
C SER A 548 -13.72 3.96 0.54
N GLU A 549 -14.71 4.82 0.77
CA GLU A 549 -14.46 6.16 1.31
C GLU A 549 -13.82 6.09 2.70
N THR A 550 -14.21 5.10 3.49
CA THR A 550 -13.63 4.92 4.83
C THR A 550 -12.10 4.72 4.76
N ALA A 551 -11.65 3.74 3.96
CA ALA A 551 -10.21 3.52 3.74
C ALA A 551 -9.56 4.78 3.19
N PHE A 552 -10.21 5.41 2.20
CA PHE A 552 -9.68 6.62 1.56
C PHE A 552 -9.32 7.71 2.61
N ASN A 553 -10.09 7.79 3.69
CA ASN A 553 -9.85 8.82 4.72
C ASN A 553 -8.56 8.64 5.49
N ILE A 554 -8.22 7.39 5.83
CA ILE A 554 -6.90 7.07 6.37
C ILE A 554 -5.82 7.50 5.37
N PHE A 555 -6.07 7.24 4.08
CA PHE A 555 -5.09 7.53 3.05
C PHE A 555 -4.89 9.03 2.79
N ILE A 556 -5.95 9.83 2.89
CA ILE A 556 -5.80 11.31 2.78
C ILE A 556 -4.64 11.78 3.70
N LEU A 557 -4.68 11.31 4.94
CA LEU A 557 -3.68 11.66 5.93
C LEU A 557 -2.34 10.97 5.67
N MET A 558 -2.36 9.65 5.54
CA MET A 558 -1.10 8.85 5.55
C MET A 558 -0.27 8.90 4.26
N ALA A 559 -0.93 8.97 3.11
CA ALA A 559 -0.19 9.12 1.85
C ALA A 559 0.50 10.50 1.79
N SER A 560 -0.17 11.54 2.29
CA SER A 560 0.43 12.87 2.34
C SER A 560 1.63 12.80 3.29
N ARG A 561 1.44 12.11 4.41
CA ARG A 561 2.48 11.99 5.46
C ARG A 561 3.74 11.25 4.99
N ARG A 562 3.58 10.22 4.15
CA ARG A 562 4.74 9.48 3.60
C ARG A 562 5.70 10.40 2.84
N LEU A 563 5.16 11.43 2.19
CA LEU A 563 5.99 12.39 1.47
C LEU A 563 6.45 13.52 2.40
N GLU A 564 5.50 14.16 3.08
CA GLU A 564 5.77 15.41 3.84
C GLU A 564 6.73 15.22 5.03
N ALA A 565 6.72 14.03 5.65
CA ALA A 565 7.56 13.76 6.83
C ALA A 565 9.01 13.35 6.51
N ASP A 566 9.30 13.11 5.23
CA ASP A 566 10.57 12.50 4.83
C ASP A 566 11.54 13.57 4.31
N ARG A 567 12.71 13.68 4.93
CA ARG A 567 13.74 14.65 4.46
C ARG A 567 14.06 14.49 2.98
N PHE A 568 14.06 13.25 2.49
CA PHE A 568 14.50 13.00 1.12
C PHE A 568 13.44 13.33 0.06
N PHE A 569 12.21 13.60 0.49
CA PHE A 569 11.19 14.13 -0.42
C PHE A 569 10.97 15.63 -0.23
N THR A 570 11.67 16.22 0.75
CA THR A 570 11.44 17.61 1.12
C THR A 570 12.74 18.41 1.12
N SER A 571 13.37 18.55 2.29
CA SER A 571 14.56 19.42 2.44
C SER A 571 15.73 18.96 1.58
N ASN A 572 15.86 17.65 1.40
CA ASN A 572 16.93 17.07 0.58
C ASN A 572 16.48 16.54 -0.79
N PHE A 573 15.29 16.95 -1.24
CA PHE A 573 14.87 16.64 -2.60
C PHE A 573 15.48 17.70 -3.52
N ASN A 574 16.76 17.55 -3.86
CA ASN A 574 17.46 18.56 -4.66
C ASN A 574 18.63 17.92 -5.44
N GLU A 575 19.25 18.70 -6.32
CA GLU A 575 20.39 18.23 -7.11
C GLU A 575 21.63 17.87 -6.29
N GLU A 576 21.87 18.60 -5.20
CA GLU A 576 23.03 18.29 -4.35
C GLU A 576 22.95 16.86 -3.81
N THR A 577 21.74 16.46 -3.40
CA THR A 577 21.52 15.16 -2.78
C THR A 577 21.35 14.01 -3.80
N TYR A 578 20.66 14.27 -4.92
CA TYR A 578 20.33 13.26 -5.92
C TYR A 578 21.30 13.19 -7.11
N THR A 579 22.15 14.21 -7.22
CA THR A 579 22.88 14.61 -8.46
C THR A 579 21.95 15.27 -9.47
N LYS A 580 22.52 16.04 -10.39
CA LYS A 580 21.75 16.73 -11.41
C LYS A 580 21.07 15.68 -12.30
N LYS A 581 21.84 14.71 -12.78
CA LYS A 581 21.32 13.64 -13.62
C LYS A 581 20.27 12.81 -12.88
N GLY A 582 20.53 12.46 -11.62
CA GLY A 582 19.57 11.74 -10.81
C GLY A 582 18.24 12.48 -10.68
N MET A 583 18.30 13.78 -10.39
CA MET A 583 17.07 14.59 -10.30
CA MET A 583 17.09 14.61 -10.30
C MET A 583 16.34 14.67 -11.64
N GLN A 584 17.09 14.83 -12.74
CA GLN A 584 16.49 14.82 -14.09
C GLN A 584 15.77 13.50 -14.42
N TRP A 585 16.32 12.39 -13.93
CA TRP A 585 15.73 11.05 -14.14
C TRP A 585 14.34 11.00 -13.45
N VAL A 586 14.27 11.43 -12.20
CA VAL A 586 12.99 11.50 -11.47
C VAL A 586 11.99 12.42 -12.18
N LYS A 587 12.46 13.62 -12.56
CA LYS A 587 11.61 14.64 -13.17
C LYS A 587 11.00 14.23 -14.50
N THR A 588 11.69 13.38 -15.26
CA THR A 588 11.24 12.96 -16.59
C THR A 588 10.51 11.61 -16.61
N THR A 589 10.35 10.98 -15.45
CA THR A 589 9.64 9.69 -15.35
C THR A 589 8.25 9.99 -14.79
N GLU A 590 7.17 9.64 -15.53
CA GLU A 590 5.81 10.04 -15.11
C GLU A 590 4.91 8.90 -14.64
N GLY A 591 5.29 7.66 -14.93
CA GLY A 591 4.44 6.54 -14.58
C GLY A 591 5.15 5.23 -14.87
N LEU A 592 4.46 4.14 -14.58
CA LEU A 592 5.04 2.83 -14.81
C LEU A 592 5.30 2.59 -16.30
N ARG A 593 4.43 3.12 -17.17
CA ARG A 593 4.70 3.02 -18.63
C ARG A 593 6.15 3.43 -18.97
N ASP A 594 6.61 4.55 -18.41
CA ASP A 594 7.97 5.05 -18.70
C ASP A 594 9.07 4.07 -18.30
N VAL A 595 8.86 3.40 -17.15
CA VAL A 595 9.85 2.43 -16.65
C VAL A 595 9.85 1.15 -17.49
N ILE A 596 8.65 0.60 -17.76
CA ILE A 596 8.53 -0.57 -18.64
C ILE A 596 9.05 -0.25 -20.04
N ASN A 597 8.72 0.93 -20.57
CA ASN A 597 9.25 1.32 -21.89
C ASN A 597 10.77 1.40 -21.95
N ARG A 598 11.38 1.83 -20.87
CA ARG A 598 12.83 1.92 -20.78
C ARG A 598 13.52 0.56 -20.97
N HIS A 599 12.97 -0.48 -20.35
CA HIS A 599 13.62 -1.79 -20.31
C HIS A 599 13.01 -2.80 -21.28
N TYR A 600 11.74 -2.59 -21.62
CA TYR A 600 10.99 -3.47 -22.51
C TYR A 600 10.19 -2.67 -23.55
N PRO A 601 10.89 -1.90 -24.43
CA PRO A 601 10.19 -1.08 -25.42
C PRO A 601 9.38 -1.86 -26.46
N GLU A 602 9.76 -3.11 -26.76
CA GLU A 602 9.09 -3.89 -27.79
C GLU A 602 7.65 -4.27 -27.42
N ILE A 603 7.44 -4.89 -26.25
CA ILE A 603 6.07 -5.20 -25.83
C ILE A 603 5.28 -3.91 -25.57
N THR A 604 5.98 -2.85 -25.17
CA THR A 604 5.31 -1.55 -24.93
C THR A 604 4.74 -1.03 -26.25
N ALA A 605 5.59 -0.98 -27.29
CA ALA A 605 5.17 -0.44 -28.59
C ALA A 605 4.13 -1.31 -29.30
N LYS A 606 4.25 -2.64 -29.14
CA LYS A 606 3.35 -3.57 -29.79
C LYS A 606 1.99 -3.65 -29.11
N TRP A 607 1.97 -3.66 -27.78
CA TRP A 607 0.77 -4.07 -27.03
C TRP A 607 0.23 -3.07 -25.98
N MET A 608 1.03 -2.11 -25.52
CA MET A 608 0.51 -1.21 -24.49
C MET A 608 -0.18 -0.03 -25.18
N LYS A 609 -1.51 -0.11 -25.31
CA LYS A 609 -2.28 0.95 -25.97
C LYS A 609 -2.76 2.03 -24.98
N SER A 610 -3.02 1.65 -23.73
CA SER A 610 -3.51 2.58 -22.69
C SER A 610 -2.44 3.56 -22.26
N SER A 611 -2.82 4.80 -21.89
CA SER A 611 -1.82 5.77 -21.43
CA SER A 611 -1.86 5.80 -21.41
C SER A 611 -1.12 5.29 -20.18
N SER A 612 -1.88 4.72 -19.25
CA SER A 612 -1.27 4.18 -18.02
C SER A 612 -1.03 2.68 -18.18
N ALA A 613 0.13 2.24 -17.72
CA ALA A 613 0.42 0.81 -17.64
C ALA A 613 -0.39 0.10 -16.53
N PHE A 614 -1.13 0.86 -15.72
CA PHE A 614 -2.01 0.24 -14.69
C PHE A 614 -3.45 -0.03 -15.16
N SER A 615 -3.84 0.60 -16.27
CA SER A 615 -5.11 0.29 -16.92
C SER A 615 -4.93 -1.05 -17.63
N VAL A 616 -6.03 -1.78 -17.85
CA VAL A 616 -5.94 -2.92 -18.76
C VAL A 616 -5.40 -2.35 -20.07
N TRP A 617 -4.38 -3.02 -20.65
CA TRP A 617 -3.55 -2.39 -21.68
C TRP A 617 -4.27 -2.07 -22.98
N ASP A 618 -5.47 -2.61 -23.20
CA ASP A 618 -6.24 -2.19 -24.37
C ASP A 618 -7.36 -1.18 -24.02
N ALA A 619 -7.27 -0.54 -22.85
CA ALA A 619 -8.21 0.56 -22.51
C ALA A 619 -8.05 1.67 -23.54
N ASP A 620 -9.16 2.33 -23.89
CA ASP A 620 -9.12 3.39 -24.90
C ASP A 620 -8.86 4.81 -24.35
N TYR A 621 -8.04 4.91 -23.32
CA TYR A 621 -7.68 6.21 -22.76
C TYR A 621 -6.33 6.13 -22.06
#